data_2W8W
#
_entry.id   2W8W
#
_cell.length_a   73.600
_cell.length_b   107.130
_cell.length_c   89.900
_cell.angle_alpha   90.00
_cell.angle_beta   90.00
_cell.angle_gamma   90.00
#
_symmetry.space_group_name_H-M   'C 2 2 21'
#
loop_
_entity.id
_entity.type
_entity.pdbx_description
1 polymer 'SERINE PALMITOYLTRANSFERASE'
2 non-polymer [3-HYDROXY-2-METHYL-5-PHOSPHONOOXYMETHYL-PYRIDIN-4-YLMETHYL]-SERINE
3 water water
#
_entity_poly.entity_id   1
_entity_poly.type   'polypeptide(L)'
_entity_poly.pdbx_seq_one_letter_code
;TEAAAQPHALPADAPDIAPERDLLSKFDGLIAERQKLLDSGVTDPFAIVMEQVKSPTEAVIRGKDTILLGTYNYMGMTFD
PDVIAAGKEALEKFGSGTYGSRMLNGTFHDHMEVEQALRDFYGTTGAIVFSTGYMANLGIISTLAGKGEYVILDADSHAS
IYDGCQQGNAEIVRFRHNSVEDLDKRLGRLPKEPAKLVVLEGVYSMLGDIAPLKEMVAVAKKHGAMVLVDEAHSMGFFGP
NGRGVYEAQGLEGQIDFVVGTFSKSVGTVGGFVVSNHPKFEAVRLACRPYIFTASLPPSVVATATTSIRKLMTAHEKRER
LWSNARALHGGLKAMGFRLGTETCDSAIVAVMLEDQEQAAMMWQALLDGGLYVNMARPPATPAGTFLLRCSICAEHTPAQ
IQTVLGMFQAAGRAVGVIGLEHHHHHH
;
_entity_poly.pdbx_strand_id   A
#
# COMPACT_ATOMS: atom_id res chain seq x y z
N ASP A 22 2.36 -33.25 -12.74
CA ASP A 22 2.59 -33.18 -11.26
C ASP A 22 2.00 -31.89 -10.68
N LEU A 23 2.34 -31.56 -9.44
CA LEU A 23 1.82 -30.35 -8.78
C LEU A 23 2.16 -29.05 -9.51
N LEU A 24 3.27 -29.01 -10.24
CA LEU A 24 3.68 -27.81 -10.96
C LEU A 24 3.10 -27.67 -12.38
N SER A 25 2.46 -28.73 -12.88
CA SER A 25 1.84 -28.69 -14.22
C SER A 25 0.83 -27.56 -14.37
N LYS A 26 0.12 -27.26 -13.28
CA LYS A 26 -0.88 -26.20 -13.31
C LYS A 26 -0.28 -24.81 -13.61
N PHE A 27 1.05 -24.70 -13.57
CA PHE A 27 1.72 -23.45 -13.92
C PHE A 27 2.14 -23.34 -15.39
N ASP A 28 1.92 -24.41 -16.17
CA ASP A 28 2.33 -24.41 -17.57
C ASP A 28 1.82 -23.20 -18.34
N GLY A 29 0.57 -22.81 -18.11
CA GLY A 29 -0.02 -21.63 -18.75
C GLY A 29 0.68 -20.33 -18.39
N LEU A 30 1.02 -20.14 -17.12
CA LEU A 30 1.74 -18.94 -16.68
C LEU A 30 3.15 -18.92 -17.26
N ILE A 31 3.79 -20.08 -17.34
CA ILE A 31 5.13 -20.21 -17.92
C ILE A 31 5.11 -19.84 -19.39
N ALA A 32 4.05 -20.24 -20.11
CA ALA A 32 3.90 -19.93 -21.54
C ALA A 32 3.62 -18.44 -21.77
N GLU A 33 2.70 -17.87 -20.99
CA GLU A 33 2.37 -16.46 -21.08
C GLU A 33 3.59 -15.57 -20.78
N ARG A 34 4.35 -15.94 -19.75
CA ARG A 34 5.57 -15.21 -19.43
C ARG A 34 6.56 -15.26 -20.59
N GLN A 35 6.75 -16.44 -21.16
CA GLN A 35 7.66 -16.60 -22.30
C GLN A 35 7.18 -15.83 -23.54
N LYS A 36 5.86 -15.74 -23.70
CA LYS A 36 5.26 -15.01 -24.82
C LYS A 36 5.48 -13.50 -24.67
N LEU A 37 5.46 -13.01 -23.43
CA LEU A 37 5.83 -11.62 -23.13
C LEU A 37 7.30 -11.37 -23.44
N LEU A 38 8.15 -12.32 -23.04
CA LEU A 38 9.58 -12.22 -23.33
C LEU A 38 9.84 -12.26 -24.84
N ASP A 39 9.05 -13.06 -25.57
CA ASP A 39 9.13 -13.11 -27.03
C ASP A 39 8.93 -11.75 -27.69
N SER A 40 8.16 -10.86 -27.04
CA SER A 40 7.98 -9.50 -27.55
C SER A 40 9.29 -8.71 -27.61
N GLY A 41 10.23 -9.04 -26.72
CA GLY A 41 11.54 -8.39 -26.68
C GLY A 41 11.73 -7.46 -25.50
N VAL A 42 10.72 -7.39 -24.62
CA VAL A 42 10.78 -6.54 -23.44
C VAL A 42 11.62 -7.18 -22.34
N THR A 43 12.16 -6.34 -21.46
CA THR A 43 12.85 -6.80 -20.26
C THR A 43 11.84 -7.57 -19.39
N ASP A 44 12.30 -8.65 -18.75
CA ASP A 44 11.47 -9.40 -17.83
C ASP A 44 11.05 -8.45 -16.70
N PRO A 45 9.77 -8.01 -16.70
CA PRO A 45 9.34 -6.98 -15.74
C PRO A 45 9.31 -7.46 -14.29
N PHE A 46 9.23 -8.77 -14.08
CA PHE A 46 9.20 -9.33 -12.74
C PHE A 46 10.56 -9.84 -12.29
N ALA A 47 11.63 -9.32 -12.91
CA ALA A 47 13.00 -9.65 -12.50
C ALA A 47 13.96 -8.45 -12.50
N ILE A 48 13.40 -7.23 -12.44
CA ILE A 48 14.21 -6.00 -12.39
C ILE A 48 14.95 -5.93 -11.06
N VAL A 49 16.24 -5.61 -11.11
CA VAL A 49 17.07 -5.54 -9.91
C VAL A 49 17.70 -4.15 -9.72
N MET A 50 17.45 -3.54 -8.57
CA MET A 50 18.13 -2.31 -8.19
C MET A 50 19.54 -2.75 -7.82
N GLU A 51 20.44 -2.76 -8.79
CA GLU A 51 21.80 -3.26 -8.54
C GLU A 51 22.51 -2.33 -7.55
N GLN A 52 22.30 -1.02 -7.74
CA GLN A 52 22.73 -0.01 -6.79
C GLN A 52 21.55 0.92 -6.56
N VAL A 53 21.48 1.51 -5.36
CA VAL A 53 20.46 2.50 -5.06
C VAL A 53 21.15 3.75 -4.54
N LYS A 54 21.20 4.78 -5.38
CA LYS A 54 21.82 6.06 -5.03
C LYS A 54 20.97 6.86 -4.02
N SER A 55 19.65 6.74 -4.11
CA SER A 55 18.75 7.54 -3.30
C SER A 55 17.33 6.96 -3.36
N PRO A 56 16.37 7.55 -2.65
CA PRO A 56 14.99 7.08 -2.76
C PRO A 56 14.41 7.15 -4.16
N THR A 57 15.02 7.97 -5.03
CA THR A 57 14.51 8.21 -6.37
C THR A 57 15.43 7.77 -7.48
N GLU A 58 16.64 7.32 -7.17
CA GLU A 58 17.60 6.98 -8.21
C GLU A 58 18.41 5.73 -7.90
N ALA A 59 18.48 4.83 -8.89
CA ALA A 59 19.18 3.56 -8.77
C ALA A 59 19.83 3.18 -10.10
N VAL A 60 20.80 2.27 -10.03
CA VAL A 60 21.41 1.72 -11.23
C VAL A 60 20.66 0.44 -11.59
N ILE A 61 19.97 0.48 -12.72
CA ILE A 61 19.21 -0.65 -13.22
C ILE A 61 19.73 -0.97 -14.62
N ARG A 62 20.11 -2.23 -14.84
CA ARG A 62 20.63 -2.69 -16.13
C ARG A 62 21.83 -1.84 -16.60
N GLY A 63 22.66 -1.42 -15.64
CA GLY A 63 23.83 -0.59 -15.92
C GLY A 63 23.53 0.86 -16.25
N LYS A 64 22.29 1.31 -16.05
CA LYS A 64 21.89 2.69 -16.34
C LYS A 64 21.32 3.38 -15.10
N ASP A 65 21.74 4.64 -14.89
CA ASP A 65 21.18 5.49 -13.86
C ASP A 65 19.71 5.74 -14.16
N THR A 66 18.85 5.27 -13.26
CA THR A 66 17.43 5.22 -13.51
C THR A 66 16.67 5.94 -12.42
N ILE A 67 15.74 6.80 -12.82
CA ILE A 67 14.80 7.40 -11.90
C ILE A 67 13.79 6.36 -11.48
N LEU A 68 13.53 6.27 -10.17
CA LEU A 68 12.55 5.34 -9.62
C LEU A 68 11.19 6.04 -9.42
N LEU A 69 10.17 5.49 -10.07
CA LEU A 69 8.82 6.04 -9.98
C LEU A 69 7.79 4.92 -9.82
N GLY A 70 8.22 3.77 -9.28
CA GLY A 70 7.34 2.64 -9.03
C GLY A 70 7.45 2.09 -7.62
N THR A 71 8.05 2.88 -6.73
CA THR A 71 8.26 2.47 -5.36
C THR A 71 7.04 2.97 -4.61
N TYR A 72 6.84 2.53 -3.39
CA TYR A 72 5.79 3.18 -2.62
C TYR A 72 6.40 3.88 -1.44
N ASN A 73 7.66 4.26 -1.63
CA ASN A 73 8.47 4.95 -0.64
C ASN A 73 8.07 6.43 -0.64
N TYR A 74 6.80 6.66 -0.31
CA TYR A 74 6.15 7.95 -0.49
C TYR A 74 6.88 9.11 0.18
N MET A 75 7.51 8.86 1.32
CA MET A 75 8.08 9.92 2.12
C MET A 75 9.61 9.89 2.14
N GLY A 76 10.20 9.03 1.34
CA GLY A 76 11.67 8.98 1.19
C GLY A 76 12.39 8.75 2.50
N MET A 77 11.82 7.90 3.35
CA MET A 77 12.35 7.69 4.69
C MET A 77 13.46 6.64 4.72
N THR A 78 13.61 5.87 3.64
CA THR A 78 14.58 4.77 3.61
C THR A 78 16.04 5.22 3.76
N PHE A 79 16.32 6.46 3.36
CA PHE A 79 17.64 7.07 3.53
C PHE A 79 17.65 8.27 4.49
N ASP A 80 16.59 8.43 5.29
CA ASP A 80 16.61 9.46 6.33
C ASP A 80 17.73 9.14 7.32
N PRO A 81 18.61 10.12 7.64
CA PRO A 81 19.75 9.79 8.49
C PRO A 81 19.40 9.30 9.91
N ASP A 82 18.28 9.76 10.45
CA ASP A 82 17.83 9.31 11.77
C ASP A 82 17.39 7.86 11.68
N VAL A 83 16.71 7.52 10.59
CA VAL A 83 16.20 6.16 10.37
C VAL A 83 17.35 5.17 10.24
N ILE A 84 18.33 5.52 9.42
CA ILE A 84 19.50 4.67 9.20
C ILE A 84 20.33 4.49 10.47
N ALA A 85 20.58 5.59 11.19
CA ALA A 85 21.30 5.53 12.47
C ALA A 85 20.57 4.68 13.49
N ALA A 86 19.24 4.85 13.57
CA ALA A 86 18.43 4.01 14.45
C ALA A 86 18.61 2.53 14.11
N GLY A 87 18.61 2.21 12.82
CA GLY A 87 18.78 0.83 12.37
C GLY A 87 20.13 0.28 12.72
N LYS A 88 21.18 1.06 12.48
CA LYS A 88 22.55 0.66 12.79
C LYS A 88 22.72 0.44 14.29
N GLU A 89 22.15 1.33 15.10
CA GLU A 89 22.25 1.22 16.56
C GLU A 89 21.61 -0.07 17.06
N ALA A 90 20.46 -0.41 16.50
CA ALA A 90 19.71 -1.62 16.88
C ALA A 90 20.48 -2.90 16.55
N LEU A 91 21.14 -2.92 15.40
CA LEU A 91 21.98 -4.06 15.01
C LEU A 91 23.12 -4.25 16.01
N GLU A 92 23.73 -3.14 16.39
CA GLU A 92 24.83 -3.14 17.36
C GLU A 92 24.36 -3.56 18.75
N LYS A 93 23.23 -3.03 19.20
CA LYS A 93 22.74 -3.30 20.56
C LYS A 93 22.00 -4.64 20.70
N PHE A 94 21.16 -4.97 19.73
CA PHE A 94 20.26 -6.13 19.87
C PHE A 94 20.51 -7.28 18.88
N GLY A 95 21.41 -7.08 17.92
CA GLY A 95 21.73 -8.14 16.97
C GLY A 95 20.87 -8.12 15.73
N SER A 96 20.99 -9.17 14.92
CA SER A 96 20.36 -9.18 13.61
C SER A 96 18.91 -9.64 13.64
N GLY A 97 18.50 -10.25 14.75
CA GLY A 97 17.16 -10.83 14.82
C GLY A 97 16.62 -10.95 16.22
N THR A 98 15.31 -11.16 16.31
CA THR A 98 14.65 -11.45 17.56
C THR A 98 14.66 -12.94 17.77
N TYR A 99 14.11 -13.39 18.88
CA TYR A 99 14.20 -14.79 19.29
C TYR A 99 12.87 -15.53 19.12
N GLY A 100 12.31 -15.44 17.91
CA GLY A 100 11.06 -16.12 17.58
C GLY A 100 9.82 -15.28 17.84
N SER A 101 8.75 -15.94 18.26
CA SER A 101 7.43 -15.33 18.37
C SER A 101 7.33 -14.34 19.54
N ARG A 102 6.59 -13.25 19.30
CA ARG A 102 6.25 -12.26 20.35
C ARG A 102 5.78 -12.96 21.62
N MET A 103 4.91 -13.96 21.47
CA MET A 103 4.31 -14.67 22.60
C MET A 103 5.29 -15.61 23.33
N LEU A 104 6.51 -15.74 22.81
CA LEU A 104 7.58 -16.47 23.48
C LEU A 104 8.80 -15.52 23.70
N ASN A 105 10.02 -15.96 23.40
CA ASN A 105 11.20 -15.18 23.77
C ASN A 105 11.12 -13.82 23.08
N GLY A 106 11.04 -13.86 21.75
CA GLY A 106 10.34 -12.85 20.95
C GLY A 106 10.49 -11.35 21.13
N THR A 107 9.89 -10.80 22.17
CA THR A 107 9.67 -9.35 22.26
C THR A 107 10.86 -8.60 22.85
N PHE A 108 11.44 -7.70 22.05
CA PHE A 108 12.53 -6.83 22.48
C PHE A 108 11.96 -5.44 22.83
N HIS A 109 12.81 -4.58 23.37
CA HIS A 109 12.46 -3.21 23.72
C HIS A 109 11.89 -2.43 22.52
N ASP A 110 12.56 -2.56 21.37
CA ASP A 110 12.16 -1.83 20.16
C ASP A 110 10.76 -2.21 19.63
N HIS A 111 10.25 -3.39 19.98
CA HIS A 111 8.90 -3.79 19.59
C HIS A 111 7.84 -3.04 20.39
N MET A 112 8.09 -2.87 21.68
CA MET A 112 7.20 -2.07 22.52
C MET A 112 7.22 -0.62 22.07
N GLU A 113 8.36 -0.16 21.55
CA GLU A 113 8.50 1.22 21.12
C GLU A 113 7.75 1.49 19.80
N VAL A 114 7.86 0.58 18.84
CA VAL A 114 7.15 0.74 17.58
C VAL A 114 5.64 0.73 17.78
N GLU A 115 5.16 -0.11 18.70
CA GLU A 115 3.73 -0.15 19.00
C GLU A 115 3.27 1.17 19.63
N GLN A 116 4.09 1.75 20.50
CA GLN A 116 3.74 3.01 21.12
C GLN A 116 3.84 4.13 20.08
N ALA A 117 4.84 4.04 19.19
CA ALA A 117 4.95 5.02 18.11
C ALA A 117 3.68 5.05 17.25
N LEU A 118 3.08 3.87 17.05
CA LEU A 118 1.83 3.75 16.30
C LEU A 118 0.65 4.37 17.04
N ARG A 119 0.52 4.03 18.32
CA ARG A 119 -0.46 4.66 19.22
C ARG A 119 -0.38 6.18 19.17
N ASP A 120 0.83 6.72 19.29
CA ASP A 120 1.03 8.18 19.28
C ASP A 120 0.70 8.79 17.93
N PHE A 121 1.01 8.06 16.86
CA PHE A 121 0.76 8.53 15.51
C PHE A 121 -0.74 8.57 15.20
N TYR A 122 -1.45 7.52 15.60
CA TYR A 122 -2.87 7.40 15.27
C TYR A 122 -3.78 7.88 16.38
N GLY A 123 -3.19 8.19 17.53
CA GLY A 123 -3.95 8.66 18.68
C GLY A 123 -4.85 7.54 19.17
N THR A 124 -4.32 6.32 19.20
CA THR A 124 -5.10 5.15 19.61
C THR A 124 -4.51 4.51 20.87
N THR A 125 -5.35 3.82 21.63
CA THR A 125 -4.88 3.06 22.79
C THR A 125 -4.28 1.73 22.38
N GLY A 126 -4.69 1.24 21.21
CA GLY A 126 -4.35 -0.10 20.77
C GLY A 126 -3.50 -0.09 19.52
N ALA A 127 -2.50 -0.97 19.50
CA ALA A 127 -1.60 -1.11 18.36
C ALA A 127 -0.97 -2.49 18.40
N ILE A 128 -1.21 -3.29 17.36
CA ILE A 128 -0.63 -4.63 17.24
C ILE A 128 0.19 -4.63 15.97
N VAL A 129 1.50 -4.87 16.10
CA VAL A 129 2.37 -4.94 14.94
C VAL A 129 2.45 -6.39 14.49
N PHE A 130 2.48 -6.57 13.18
CA PHE A 130 2.65 -7.86 12.52
C PHE A 130 3.95 -7.85 11.72
N SER A 131 4.39 -9.02 11.29
CA SER A 131 5.67 -9.14 10.61
C SER A 131 5.59 -8.71 9.14
N THR A 132 4.39 -8.67 8.59
CA THR A 132 4.14 -8.01 7.30
C THR A 132 2.77 -7.35 7.31
N GLY A 133 2.60 -6.41 6.39
CA GLY A 133 1.29 -5.80 6.13
C GLY A 133 0.31 -6.83 5.59
N TYR A 134 0.80 -7.71 4.74
CA TYR A 134 -0.02 -8.80 4.22
C TYR A 134 -0.60 -9.61 5.39
N MET A 135 0.30 -10.02 6.30
CA MET A 135 -0.10 -10.80 7.47
C MET A 135 -1.03 -10.04 8.43
N ALA A 136 -0.87 -8.72 8.54
CA ALA A 136 -1.79 -7.91 9.34
C ALA A 136 -3.20 -8.01 8.80
N ASN A 137 -3.34 -7.92 7.46
CA ASN A 137 -4.65 -8.07 6.82
C ASN A 137 -5.14 -9.50 6.85
N LEU A 138 -4.29 -10.44 6.43
CA LEU A 138 -4.60 -11.86 6.57
C LEU A 138 -5.12 -12.14 7.98
N GLY A 139 -4.37 -11.68 8.97
CA GLY A 139 -4.65 -11.98 10.36
C GLY A 139 -5.88 -11.27 10.93
N ILE A 140 -5.92 -9.94 10.84
CA ILE A 140 -7.00 -9.20 11.48
C ILE A 140 -8.36 -9.60 10.88
N ILE A 141 -8.43 -9.75 9.56
CA ILE A 141 -9.71 -10.10 8.92
C ILE A 141 -10.17 -11.52 9.28
N SER A 142 -9.26 -12.50 9.18
CA SER A 142 -9.59 -13.88 9.53
C SER A 142 -9.88 -14.11 11.03
N THR A 143 -9.44 -13.18 11.87
CA THR A 143 -9.57 -13.32 13.32
C THR A 143 -10.78 -12.58 13.87
N LEU A 144 -11.04 -11.39 13.33
CA LEU A 144 -12.17 -10.57 13.78
C LEU A 144 -13.54 -11.15 13.42
N ALA A 145 -13.65 -11.72 12.22
CA ALA A 145 -14.93 -12.27 11.74
C ALA A 145 -14.86 -13.78 11.61
N GLY A 146 -15.65 -14.47 12.43
CA GLY A 146 -15.72 -15.93 12.38
C GLY A 146 -16.99 -16.45 11.73
N LYS A 147 -17.26 -17.73 11.97
CA LYS A 147 -18.42 -18.43 11.44
C LYS A 147 -19.72 -17.67 11.71
N GLY A 148 -20.58 -17.56 10.71
CA GLY A 148 -21.86 -16.87 10.84
C GLY A 148 -21.77 -15.35 10.76
N GLU A 149 -20.57 -14.78 10.83
CA GLU A 149 -20.40 -13.33 10.74
C GLU A 149 -20.04 -12.93 9.31
N TYR A 150 -19.94 -11.63 9.05
CA TYR A 150 -19.82 -11.13 7.68
C TYR A 150 -18.65 -10.19 7.49
N VAL A 151 -17.97 -10.36 6.37
CA VAL A 151 -16.95 -9.43 5.93
C VAL A 151 -17.47 -8.83 4.64
N ILE A 152 -17.64 -7.50 4.63
CA ILE A 152 -18.14 -6.79 3.45
C ILE A 152 -17.04 -5.89 2.90
N LEU A 153 -16.54 -6.22 1.71
CA LEU A 153 -15.35 -5.58 1.16
C LEU A 153 -15.56 -5.02 -0.24
N ASP A 154 -14.82 -3.96 -0.55
CA ASP A 154 -14.86 -3.34 -1.86
C ASP A 154 -14.25 -4.31 -2.86
N ALA A 155 -14.88 -4.42 -4.03
CA ALA A 155 -14.55 -5.46 -5.01
C ALA A 155 -13.10 -5.42 -5.46
N ASP A 156 -12.48 -4.23 -5.42
CA ASP A 156 -11.06 -4.08 -5.77
C ASP A 156 -10.19 -3.90 -4.54
N SER A 157 -10.52 -4.62 -3.46
CA SER A 157 -9.72 -4.60 -2.26
C SER A 157 -8.36 -5.28 -2.53
N HIS A 158 -7.36 -4.90 -1.75
CA HIS A 158 -6.06 -5.51 -1.91
C HIS A 158 -6.13 -7.04 -1.82
N ALA A 159 -5.22 -7.71 -2.52
CA ALA A 159 -5.10 -9.16 -2.46
C ALA A 159 -5.02 -9.69 -1.03
N SER A 160 -4.34 -8.97 -0.14
CA SER A 160 -4.18 -9.40 1.27
C SER A 160 -5.52 -9.41 2.01
N ILE A 161 -6.41 -8.51 1.64
CA ILE A 161 -7.75 -8.47 2.21
C ILE A 161 -8.56 -9.67 1.73
N TYR A 162 -8.55 -9.94 0.42
CA TYR A 162 -9.19 -11.15 -0.10
C TYR A 162 -8.64 -12.42 0.56
N ASP A 163 -7.32 -12.53 0.68
CA ASP A 163 -6.70 -13.70 1.31
C ASP A 163 -7.09 -13.86 2.78
N GLY A 164 -7.23 -12.74 3.49
CA GLY A 164 -7.73 -12.76 4.83
C GLY A 164 -9.14 -13.29 4.91
N CYS A 165 -9.98 -12.92 3.94
CA CYS A 165 -11.34 -13.46 3.86
C CYS A 165 -11.30 -14.97 3.62
N GLN A 166 -10.35 -15.39 2.78
CA GLN A 166 -10.17 -16.80 2.45
C GLN A 166 -9.65 -17.60 3.65
N GLN A 167 -8.80 -16.96 4.46
CA GLN A 167 -8.26 -17.64 5.65
C GLN A 167 -9.33 -17.79 6.73
N GLY A 168 -10.28 -16.86 6.79
CA GLY A 168 -11.36 -16.93 7.78
C GLY A 168 -12.48 -17.88 7.38
N ASN A 169 -13.49 -17.97 8.23
CA ASN A 169 -14.69 -18.75 7.95
C ASN A 169 -15.96 -17.91 7.99
N ALA A 170 -15.81 -16.60 7.82
CA ALA A 170 -16.96 -15.70 7.70
C ALA A 170 -17.58 -15.79 6.32
N GLU A 171 -18.78 -15.23 6.20
CA GLU A 171 -19.41 -15.03 4.90
C GLU A 171 -18.80 -13.78 4.26
N ILE A 172 -18.44 -13.91 2.98
CA ILE A 172 -17.80 -12.82 2.27
C ILE A 172 -18.82 -12.16 1.35
N VAL A 173 -18.88 -10.83 1.41
CA VAL A 173 -19.86 -10.05 0.66
C VAL A 173 -19.16 -8.91 -0.08
N ARG A 174 -19.01 -9.07 -1.39
CA ARG A 174 -18.36 -8.06 -2.21
C ARG A 174 -19.36 -7.03 -2.66
N PHE A 175 -18.94 -5.78 -2.70
CA PHE A 175 -19.74 -4.73 -3.31
C PHE A 175 -18.97 -3.99 -4.40
N ARG A 176 -19.73 -3.36 -5.30
CA ARG A 176 -19.20 -2.69 -6.48
C ARG A 176 -18.24 -1.57 -6.05
N HIS A 177 -17.14 -1.41 -6.79
CA HIS A 177 -16.05 -0.51 -6.39
C HIS A 177 -16.46 0.94 -6.13
N ASN A 178 -16.08 1.47 -4.98
CA ASN A 178 -16.45 2.83 -4.55
C ASN A 178 -17.93 3.18 -4.74
N SER A 179 -18.81 2.18 -4.65
CA SER A 179 -20.25 2.40 -4.77
C SER A 179 -20.88 2.41 -3.38
N VAL A 180 -21.19 3.62 -2.90
CA VAL A 180 -21.87 3.79 -1.63
C VAL A 180 -23.24 3.11 -1.69
N GLU A 181 -23.92 3.27 -2.83
CA GLU A 181 -25.22 2.66 -3.07
C GLU A 181 -25.19 1.15 -2.85
N ASP A 182 -24.21 0.49 -3.46
CA ASP A 182 -24.15 -0.97 -3.44
C ASP A 182 -23.79 -1.50 -2.06
N LEU A 183 -22.84 -0.83 -1.40
CA LEU A 183 -22.52 -1.14 0.00
C LEU A 183 -23.78 -1.15 0.85
N ASP A 184 -24.61 -0.13 0.70
CA ASP A 184 -25.84 0.04 1.47
C ASP A 184 -26.86 -1.08 1.18
N LYS A 185 -27.13 -1.30 -0.10
CA LYS A 185 -28.06 -2.34 -0.52
C LYS A 185 -27.57 -3.71 -0.06
N ARG A 186 -26.27 -3.93 -0.21
CA ARG A 186 -25.67 -5.21 0.11
C ARG A 186 -25.69 -5.48 1.63
N LEU A 187 -25.23 -4.50 2.42
CA LEU A 187 -25.36 -4.57 3.88
C LEU A 187 -26.81 -4.77 4.35
N GLY A 188 -27.73 -4.03 3.73
CA GLY A 188 -29.13 -4.05 4.12
C GLY A 188 -29.76 -5.41 4.02
N ARG A 189 -29.33 -6.19 3.03
CA ARG A 189 -29.87 -7.52 2.81
C ARG A 189 -29.40 -8.54 3.85
N LEU A 190 -28.31 -8.22 4.57
CA LEU A 190 -27.76 -9.14 5.54
C LEU A 190 -28.60 -9.17 6.82
N PRO A 191 -28.58 -10.29 7.56
CA PRO A 191 -29.26 -10.37 8.86
C PRO A 191 -28.65 -9.38 9.86
N LYS A 192 -29.51 -8.75 10.66
CA LYS A 192 -29.08 -7.64 11.51
C LYS A 192 -28.22 -8.05 12.71
N GLU A 193 -28.47 -9.23 13.25
CA GLU A 193 -27.87 -9.62 14.53
C GLU A 193 -26.37 -9.93 14.43
N PRO A 194 -25.95 -10.74 13.45
CA PRO A 194 -24.53 -11.07 13.38
C PRO A 194 -23.62 -9.86 13.24
N ALA A 195 -22.49 -9.88 13.96
CA ALA A 195 -21.46 -8.85 13.84
C ALA A 195 -20.91 -8.82 12.42
N LYS A 196 -20.51 -7.62 11.99
CA LYS A 196 -20.11 -7.37 10.61
C LYS A 196 -18.89 -6.47 10.56
N LEU A 197 -18.00 -6.78 9.65
CA LEU A 197 -16.82 -5.96 9.41
C LEU A 197 -16.88 -5.47 7.98
N VAL A 198 -16.98 -4.16 7.82
CA VAL A 198 -16.86 -3.52 6.51
C VAL A 198 -15.39 -3.13 6.30
N VAL A 199 -14.80 -3.62 5.21
CA VAL A 199 -13.40 -3.37 4.90
C VAL A 199 -13.27 -2.40 3.74
N LEU A 200 -12.59 -1.28 3.97
CA LEU A 200 -12.38 -0.25 2.98
C LEU A 200 -10.89 0.07 2.88
N GLU A 201 -10.49 0.67 1.77
CA GLU A 201 -9.16 1.28 1.68
C GLU A 201 -9.36 2.77 1.48
N GLY A 202 -8.45 3.56 2.04
CA GLY A 202 -8.50 5.02 1.86
C GLY A 202 -8.12 5.39 0.45
N VAL A 203 -6.92 4.97 0.04
CA VAL A 203 -6.47 5.11 -1.34
C VAL A 203 -6.35 3.72 -1.96
N TYR A 204 -7.00 3.53 -3.11
CA TYR A 204 -6.92 2.27 -3.83
C TYR A 204 -5.79 2.29 -4.84
N SER A 205 -4.87 1.33 -4.66
CA SER A 205 -3.59 1.31 -5.33
C SER A 205 -3.66 1.17 -6.85
N MET A 206 -4.72 0.57 -7.39
CA MET A 206 -4.76 0.32 -8.84
C MET A 206 -4.73 1.62 -9.63
N LEU A 207 -5.72 2.48 -9.38
CA LEU A 207 -5.84 3.74 -10.13
C LEU A 207 -5.38 4.96 -9.34
N GLY A 208 -5.10 4.79 -8.06
CA GLY A 208 -4.69 5.89 -7.20
C GLY A 208 -5.88 6.77 -6.82
N ASP A 209 -7.06 6.16 -6.80
CA ASP A 209 -8.30 6.86 -6.53
C ASP A 209 -8.59 6.80 -5.03
N ILE A 210 -9.47 7.67 -4.58
CA ILE A 210 -9.80 7.81 -3.17
C ILE A 210 -11.22 7.31 -2.91
N ALA A 211 -11.40 6.63 -1.79
CA ALA A 211 -12.72 6.11 -1.39
C ALA A 211 -13.55 7.24 -0.80
N PRO A 212 -14.87 7.20 -1.00
CA PRO A 212 -15.73 8.14 -0.28
C PRO A 212 -16.04 7.58 1.10
N LEU A 213 -15.03 7.57 1.97
CA LEU A 213 -15.15 6.94 3.29
C LEU A 213 -16.24 7.57 4.14
N LYS A 214 -16.35 8.89 4.11
CA LYS A 214 -17.38 9.58 4.89
C LYS A 214 -18.75 8.93 4.66
N GLU A 215 -19.13 8.79 3.39
CA GLU A 215 -20.45 8.25 3.05
C GLU A 215 -20.52 6.74 3.36
N MET A 216 -19.44 6.04 3.09
CA MET A 216 -19.41 4.59 3.30
C MET A 216 -19.42 4.22 4.77
N VAL A 217 -18.72 5.01 5.59
CA VAL A 217 -18.70 4.79 7.03
C VAL A 217 -20.08 5.07 7.63
N ALA A 218 -20.71 6.16 7.18
CA ALA A 218 -22.09 6.48 7.60
C ALA A 218 -23.06 5.35 7.25
N VAL A 219 -22.83 4.73 6.10
CA VAL A 219 -23.66 3.59 5.68
C VAL A 219 -23.36 2.39 6.55
N ALA A 220 -22.08 2.12 6.76
CA ALA A 220 -21.63 1.05 7.64
C ALA A 220 -22.22 1.15 9.04
N LYS A 221 -22.27 2.37 9.59
CA LYS A 221 -22.74 2.57 10.95
C LYS A 221 -24.26 2.53 11.07
N LYS A 222 -24.95 2.85 9.98
CA LYS A 222 -26.39 2.71 9.90
C LYS A 222 -26.77 1.24 10.09
N HIS A 223 -25.99 0.33 9.51
CA HIS A 223 -26.29 -1.10 9.60
C HIS A 223 -25.57 -1.76 10.78
N GLY A 224 -24.97 -0.96 11.67
CA GLY A 224 -24.35 -1.47 12.89
C GLY A 224 -23.07 -2.25 12.64
N ALA A 225 -22.37 -1.95 11.54
CA ALA A 225 -21.17 -2.67 11.19
C ALA A 225 -19.93 -2.00 11.76
N MET A 226 -18.92 -2.80 12.08
CA MET A 226 -17.62 -2.26 12.40
C MET A 226 -16.91 -1.97 11.09
N VAL A 227 -16.00 -1.00 11.11
CA VAL A 227 -15.26 -0.61 9.92
C VAL A 227 -13.75 -0.78 10.10
N LEU A 228 -13.14 -1.45 9.13
CA LEU A 228 -11.69 -1.53 9.00
C LEU A 228 -11.30 -0.75 7.76
N VAL A 229 -10.35 0.17 7.92
CA VAL A 229 -9.82 0.92 6.80
C VAL A 229 -8.33 0.66 6.66
N ASP A 230 -7.93 0.31 5.44
CA ASP A 230 -6.54 0.11 5.09
C ASP A 230 -6.00 1.44 4.56
N GLU A 231 -5.07 2.02 5.30
CA GLU A 231 -4.48 3.31 4.99
C GLU A 231 -3.00 3.15 4.67
N ALA A 232 -2.66 2.09 3.95
CA ALA A 232 -1.30 1.85 3.48
C ALA A 232 -0.82 2.93 2.51
N HIS A 233 -1.72 3.48 1.72
CA HIS A 233 -1.33 4.38 0.64
C HIS A 233 -1.61 5.86 0.94
N SER A 234 -1.74 6.17 2.22
CA SER A 234 -2.02 7.53 2.68
C SER A 234 -1.17 7.97 3.87
N MET A 235 -0.48 7.02 4.49
CA MET A 235 0.21 7.28 5.75
C MET A 235 1.25 8.39 5.66
N GLY A 236 1.03 9.45 6.43
CA GLY A 236 2.01 10.51 6.53
C GLY A 236 1.61 11.76 5.79
N PHE A 237 0.72 11.62 4.80
CA PHE A 237 0.38 12.72 3.91
C PHE A 237 -1.11 12.89 3.62
N PHE A 238 -1.97 12.27 4.42
CA PHE A 238 -3.41 12.57 4.42
C PHE A 238 -3.86 12.90 5.83
N GLY A 239 -4.75 13.87 5.95
CA GLY A 239 -5.27 14.28 7.25
C GLY A 239 -4.30 15.21 7.97
N PRO A 240 -4.80 15.99 8.94
CA PRO A 240 -3.94 16.94 9.63
C PRO A 240 -2.76 16.29 10.40
N ASN A 241 -2.90 15.01 10.78
CA ASN A 241 -1.84 14.29 11.48
C ASN A 241 -1.13 13.24 10.62
N GLY A 242 -1.50 13.14 9.35
CA GLY A 242 -0.94 12.14 8.46
C GLY A 242 -1.60 10.77 8.57
N ARG A 243 -2.70 10.68 9.31
CA ARG A 243 -3.27 9.38 9.69
C ARG A 243 -3.93 8.64 8.52
N GLY A 244 -4.36 9.37 7.51
CA GLY A 244 -4.92 8.73 6.32
C GLY A 244 -6.12 9.45 5.78
N VAL A 245 -6.72 8.86 4.74
CA VAL A 245 -7.90 9.44 4.11
C VAL A 245 -9.04 9.61 5.13
N TYR A 246 -9.21 8.65 6.04
CA TYR A 246 -10.29 8.73 7.04
C TYR A 246 -10.14 9.99 7.90
N GLU A 247 -8.91 10.33 8.28
CA GLU A 247 -8.68 11.52 9.07
C GLU A 247 -8.94 12.74 8.19
N ALA A 248 -8.52 12.67 6.93
CA ALA A 248 -8.78 13.76 5.98
C ALA A 248 -10.27 14.07 5.87
N GLN A 249 -11.11 13.03 5.92
CA GLN A 249 -12.53 13.20 5.69
C GLN A 249 -13.35 13.38 6.98
N GLY A 250 -12.68 13.65 8.10
CA GLY A 250 -13.35 13.96 9.37
C GLY A 250 -13.90 12.75 10.10
N LEU A 251 -13.26 11.60 9.95
CA LEU A 251 -13.79 10.36 10.53
C LEU A 251 -13.03 9.90 11.77
N GLU A 252 -12.26 10.82 12.36
CA GLU A 252 -11.50 10.53 13.58
C GLU A 252 -12.47 10.04 14.66
N GLY A 253 -12.15 8.90 15.27
CA GLY A 253 -12.94 8.35 16.35
C GLY A 253 -14.13 7.52 15.91
N GLN A 254 -14.29 7.36 14.59
CA GLN A 254 -15.39 6.61 14.01
C GLN A 254 -14.93 5.32 13.32
N ILE A 255 -13.62 5.19 13.11
CA ILE A 255 -13.09 4.00 12.46
C ILE A 255 -12.66 3.01 13.55
N ASP A 256 -13.26 1.82 13.51
CA ASP A 256 -13.02 0.82 14.54
C ASP A 256 -11.61 0.28 14.50
N PHE A 257 -11.11 0.01 13.29
CA PHE A 257 -9.76 -0.51 13.13
C PHE A 257 -9.12 0.11 11.92
N VAL A 258 -7.86 0.51 12.05
CA VAL A 258 -7.11 0.97 10.91
C VAL A 258 -5.93 0.03 10.71
N VAL A 259 -5.78 -0.48 9.49
CA VAL A 259 -4.65 -1.34 9.16
C VAL A 259 -3.70 -0.56 8.29
N GLY A 260 -2.42 -0.85 8.44
CA GLY A 260 -1.40 -0.26 7.60
C GLY A 260 -0.18 -1.13 7.54
N THR A 261 0.84 -0.60 6.87
CA THR A 261 2.09 -1.29 6.62
C THR A 261 3.28 -0.39 6.93
N PHE A 262 4.44 -1.00 7.13
CA PHE A 262 5.69 -0.25 7.23
C PHE A 262 6.36 -0.08 5.87
N SER A 263 5.81 -0.73 4.84
CA SER A 263 6.52 -0.89 3.56
C SER A 263 6.29 0.24 2.57
N LYS A 264 5.38 1.15 2.89
CA LYS A 264 5.14 2.29 2.03
C LYS A 264 5.84 3.51 2.63
N SER A 265 5.11 4.38 3.31
CA SER A 265 5.69 5.62 3.83
C SER A 265 6.76 5.38 4.89
N VAL A 266 6.61 4.33 5.70
CA VAL A 266 7.46 4.13 6.87
C VAL A 266 8.88 3.71 6.46
N GLY A 267 8.99 2.84 5.45
CA GLY A 267 10.27 2.55 4.81
C GLY A 267 10.97 1.30 5.29
N THR A 268 10.20 0.32 5.74
CA THR A 268 10.76 -1.00 6.04
C THR A 268 9.71 -2.08 5.85
N VAL A 269 9.79 -3.21 6.54
CA VAL A 269 8.72 -4.21 6.47
C VAL A 269 8.01 -4.30 7.80
N GLY A 270 6.79 -4.83 7.75
CA GLY A 270 5.95 -4.96 8.92
C GLY A 270 4.55 -4.45 8.61
N GLY A 271 3.61 -4.90 9.42
CA GLY A 271 2.22 -4.50 9.28
C GLY A 271 1.69 -4.12 10.64
N PHE A 272 0.50 -3.56 10.68
CA PHE A 272 -0.07 -3.19 11.97
C PHE A 272 -1.54 -2.94 11.84
N VAL A 273 -2.22 -3.04 12.97
CA VAL A 273 -3.59 -2.61 13.10
C VAL A 273 -3.66 -1.78 14.38
N VAL A 274 -4.33 -0.64 14.31
CA VAL A 274 -4.55 0.21 15.48
C VAL A 274 -6.04 0.42 15.68
N SER A 275 -6.41 0.72 16.91
CA SER A 275 -7.80 0.73 17.31
C SER A 275 -7.90 1.27 18.72
N ASN A 276 -9.05 1.85 19.03
CA ASN A 276 -9.37 2.26 20.38
C ASN A 276 -10.30 1.27 21.09
N HIS A 277 -10.62 0.14 20.47
CA HIS A 277 -11.51 -0.82 21.11
C HIS A 277 -10.86 -1.33 22.40
N PRO A 278 -11.63 -1.41 23.51
CA PRO A 278 -11.01 -1.80 24.79
C PRO A 278 -10.54 -3.26 24.87
N LYS A 279 -11.10 -4.12 24.02
CA LYS A 279 -10.69 -5.52 23.94
C LYS A 279 -9.63 -5.77 22.86
N PHE A 280 -9.21 -4.72 22.16
CA PHE A 280 -8.39 -4.88 20.94
C PHE A 280 -7.12 -5.71 21.17
N GLU A 281 -6.49 -5.53 22.32
CA GLU A 281 -5.26 -6.25 22.66
C GLU A 281 -5.47 -7.76 22.78
N ALA A 282 -6.72 -8.19 22.99
CA ALA A 282 -7.06 -9.61 23.04
C ALA A 282 -6.87 -10.32 21.70
N VAL A 283 -6.83 -9.57 20.60
CA VAL A 283 -6.56 -10.13 19.28
C VAL A 283 -5.21 -10.87 19.25
N ARG A 284 -4.23 -10.35 19.99
CA ARG A 284 -2.94 -11.03 20.17
C ARG A 284 -3.11 -12.48 20.61
N LEU A 285 -4.14 -12.74 21.41
CA LEU A 285 -4.39 -14.05 21.99
C LEU A 285 -5.00 -15.06 21.01
N ALA A 286 -5.62 -14.55 19.95
CA ALA A 286 -6.33 -15.42 19.01
C ALA A 286 -5.75 -15.41 17.59
N CYS A 287 -4.89 -14.44 17.29
CA CYS A 287 -4.53 -14.15 15.91
C CYS A 287 -3.34 -14.99 15.47
N ARG A 288 -3.59 -16.00 14.62
CA ARG A 288 -2.59 -17.00 14.30
C ARG A 288 -1.34 -16.45 13.57
N PRO A 289 -1.52 -15.58 12.57
CA PRO A 289 -0.35 -14.95 11.94
C PRO A 289 0.44 -14.01 12.85
N TYR A 290 -0.14 -13.62 13.98
CA TYR A 290 0.60 -12.91 15.03
C TYR A 290 1.33 -13.91 15.95
N ILE A 291 0.66 -14.99 16.28
CA ILE A 291 1.19 -15.93 17.25
C ILE A 291 2.31 -16.78 16.64
N PHE A 292 2.09 -17.27 15.43
CA PHE A 292 2.95 -18.30 14.84
C PHE A 292 3.95 -17.79 13.80
N THR A 293 4.59 -16.66 14.09
CA THR A 293 5.67 -16.15 13.26
C THR A 293 6.67 -15.40 14.14
N ALA A 294 7.91 -15.31 13.65
CA ALA A 294 8.94 -14.59 14.38
C ALA A 294 8.62 -13.12 14.35
N SER A 295 8.99 -12.43 15.43
CA SER A 295 8.86 -10.99 15.51
C SER A 295 9.94 -10.32 14.67
N LEU A 296 9.71 -9.06 14.31
CA LEU A 296 10.61 -8.35 13.41
C LEU A 296 11.97 -8.09 14.03
N PRO A 297 13.03 -8.06 13.20
CA PRO A 297 14.36 -7.83 13.73
C PRO A 297 14.48 -6.47 14.41
N PRO A 298 15.39 -6.36 15.40
CA PRO A 298 15.57 -5.11 16.11
C PRO A 298 15.75 -3.91 15.19
N SER A 299 16.56 -4.06 14.14
CA SER A 299 16.80 -2.98 13.21
C SER A 299 15.55 -2.55 12.47
N VAL A 300 14.66 -3.49 12.16
CA VAL A 300 13.43 -3.15 11.46
C VAL A 300 12.52 -2.31 12.32
N VAL A 301 12.34 -2.71 13.58
CA VAL A 301 11.43 -1.99 14.47
C VAL A 301 12.02 -0.67 14.95
N ALA A 302 13.35 -0.56 14.98
CA ALA A 302 14.00 0.70 15.36
C ALA A 302 13.84 1.73 14.25
N THR A 303 14.02 1.29 13.01
CA THR A 303 13.86 2.17 11.84
C THR A 303 12.38 2.55 11.68
N ALA A 304 11.48 1.59 11.82
CA ALA A 304 10.04 1.90 11.80
C ALA A 304 9.68 2.91 12.90
N THR A 305 10.11 2.66 14.13
CA THR A 305 9.83 3.56 15.24
C THR A 305 10.26 4.99 14.96
N THR A 306 11.51 5.13 14.54
CA THR A 306 12.10 6.42 14.22
C THR A 306 11.40 7.10 13.04
N SER A 307 11.12 6.33 11.98
CA SER A 307 10.43 6.87 10.82
C SER A 307 9.02 7.34 11.18
N ILE A 308 8.26 6.47 11.85
CA ILE A 308 6.89 6.78 12.25
C ILE A 308 6.82 8.09 13.01
N ARG A 309 7.73 8.28 13.97
CA ARG A 309 7.73 9.48 14.77
C ARG A 309 8.08 10.71 13.95
N LYS A 310 9.07 10.58 13.05
CA LYS A 310 9.39 11.68 12.13
C LYS A 310 8.22 12.00 11.22
N LEU A 311 7.48 10.97 10.80
CA LEU A 311 6.29 11.16 9.95
C LEU A 311 5.17 11.98 10.63
N MET A 312 5.18 12.06 11.95
CA MET A 312 4.17 12.86 12.66
C MET A 312 4.28 14.34 12.30
N THR A 313 5.50 14.83 12.05
CA THR A 313 5.76 16.25 11.77
C THR A 313 6.60 16.48 10.51
N ALA A 314 6.40 15.65 9.49
CA ALA A 314 7.22 15.69 8.27
C ALA A 314 6.61 16.60 7.20
N HIS A 315 6.38 17.86 7.56
CA HIS A 315 5.58 18.76 6.71
C HIS A 315 6.24 19.09 5.38
N GLU A 316 7.52 19.44 5.42
CA GLU A 316 8.29 19.71 4.20
C GLU A 316 8.17 18.54 3.22
N LYS A 317 8.39 17.32 3.70
CA LYS A 317 8.30 16.13 2.84
C LYS A 317 6.92 16.01 2.22
N ARG A 318 5.91 16.09 3.09
CA ARG A 318 4.53 15.99 2.68
C ARG A 318 4.13 17.02 1.62
N GLU A 319 4.56 18.27 1.81
CA GLU A 319 4.28 19.32 0.85
C GLU A 319 4.92 19.03 -0.50
N ARG A 320 6.14 18.53 -0.47
CA ARG A 320 6.87 18.21 -1.67
C ARG A 320 6.25 17.01 -2.39
N LEU A 321 5.78 16.04 -1.60
CA LEU A 321 5.10 14.88 -2.16
C LEU A 321 3.90 15.32 -2.98
N TRP A 322 3.03 16.12 -2.37
CA TRP A 322 1.80 16.57 -3.04
C TRP A 322 2.10 17.53 -4.19
N SER A 323 3.07 18.41 -4.01
CA SER A 323 3.56 19.24 -5.10
C SER A 323 4.07 18.36 -6.28
N ASN A 324 4.82 17.30 -5.98
CA ASN A 324 5.30 16.39 -7.04
C ASN A 324 4.15 15.65 -7.73
N ALA A 325 3.20 15.13 -6.95
CA ALA A 325 2.06 14.40 -7.47
C ALA A 325 1.25 15.28 -8.41
N ARG A 326 0.98 16.50 -7.99
CA ARG A 326 0.18 17.40 -8.80
C ARG A 326 0.89 17.74 -10.12
N ALA A 327 2.20 17.98 -10.05
CA ALA A 327 2.99 18.26 -11.25
C ALA A 327 2.99 17.09 -12.24
N LEU A 328 3.23 15.88 -11.75
CA LEU A 328 3.20 14.70 -12.62
C LEU A 328 1.82 14.44 -13.17
N HIS A 329 0.83 14.46 -12.27
CA HIS A 329 -0.56 14.20 -12.67
C HIS A 329 -1.01 15.24 -13.70
N GLY A 330 -0.88 16.51 -13.34
CA GLY A 330 -1.29 17.63 -14.19
C GLY A 330 -0.57 17.63 -15.53
N GLY A 331 0.74 17.42 -15.50
CA GLY A 331 1.54 17.37 -16.72
C GLY A 331 1.20 16.19 -17.63
N LEU A 332 0.99 15.02 -17.06
CA LEU A 332 0.66 13.83 -17.85
C LEU A 332 -0.73 13.96 -18.49
N LYS A 333 -1.67 14.50 -17.74
CA LYS A 333 -3.01 14.80 -18.27
C LYS A 333 -2.93 15.82 -19.41
N ALA A 334 -2.13 16.87 -19.23
CA ALA A 334 -1.99 17.91 -20.25
C ALA A 334 -1.49 17.37 -21.60
N MET A 335 -0.57 16.41 -21.55
CA MET A 335 -0.02 15.80 -22.77
C MET A 335 -0.98 14.89 -23.53
N GLY A 336 -2.07 14.50 -22.87
CA GLY A 336 -3.09 13.70 -23.52
C GLY A 336 -3.15 12.26 -23.09
N PHE A 337 -2.39 11.88 -22.05
CA PHE A 337 -2.51 10.56 -21.46
C PHE A 337 -3.85 10.41 -20.74
N ARG A 338 -4.47 9.25 -20.86
CA ARG A 338 -5.67 8.94 -20.10
C ARG A 338 -5.21 8.46 -18.72
N LEU A 339 -5.65 9.13 -17.67
CA LEU A 339 -5.23 8.79 -16.31
C LEU A 339 -6.35 8.07 -15.55
N GLY A 340 -5.97 7.30 -14.55
CA GLY A 340 -6.95 6.59 -13.71
C GLY A 340 -7.91 7.50 -12.95
N THR A 341 -7.47 8.71 -12.63
CA THR A 341 -8.25 9.68 -11.88
C THR A 341 -8.30 11.02 -12.60
N GLU A 342 -9.42 11.72 -12.49
CA GLU A 342 -9.60 13.03 -13.13
C GLU A 342 -8.80 14.12 -12.41
N THR A 343 -8.73 14.04 -11.08
CA THR A 343 -7.95 14.98 -10.28
C THR A 343 -6.89 14.24 -9.47
N CYS A 344 -5.93 15.01 -8.95
CA CYS A 344 -4.75 14.44 -8.27
C CYS A 344 -5.12 14.12 -6.84
N ASP A 345 -5.54 12.88 -6.62
CA ASP A 345 -6.16 12.46 -5.38
C ASP A 345 -5.24 11.66 -4.46
N SER A 346 -4.06 11.31 -4.95
CA SER A 346 -3.12 10.51 -4.18
C SER A 346 -1.74 10.67 -4.79
N ALA A 347 -0.76 9.96 -4.22
CA ALA A 347 0.60 9.95 -4.74
C ALA A 347 0.79 8.89 -5.82
N ILE A 348 -0.30 8.21 -6.21
CA ILE A 348 -0.27 7.30 -7.34
C ILE A 348 -0.93 7.95 -8.55
N VAL A 349 -0.22 7.92 -9.68
CA VAL A 349 -0.77 8.34 -10.97
C VAL A 349 -0.73 7.14 -11.92
N ALA A 350 -1.92 6.73 -12.39
CA ALA A 350 -2.08 5.59 -13.28
C ALA A 350 -2.34 6.04 -14.72
N VAL A 351 -1.45 5.68 -15.63
CA VAL A 351 -1.62 6.00 -17.04
C VAL A 351 -2.28 4.80 -17.69
N MET A 352 -3.41 5.03 -18.36
CA MET A 352 -4.22 3.95 -18.92
C MET A 352 -3.94 3.84 -20.41
N LEU A 353 -3.58 2.63 -20.84
CA LEU A 353 -3.21 2.38 -22.22
C LEU A 353 -4.23 1.47 -22.88
N GLU A 354 -4.22 1.47 -24.21
CA GLU A 354 -5.27 0.81 -24.98
C GLU A 354 -5.14 -0.72 -25.00
N ASP A 355 -3.92 -1.22 -25.13
CA ASP A 355 -3.68 -2.67 -25.20
C ASP A 355 -2.38 -3.04 -24.50
N GLN A 356 -2.17 -4.33 -24.30
CA GLN A 356 -1.02 -4.84 -23.55
C GLN A 356 0.32 -4.53 -24.25
N GLU A 357 0.34 -4.58 -25.58
CA GLU A 357 1.52 -4.21 -26.36
C GLU A 357 1.91 -2.75 -26.12
N GLN A 358 0.92 -1.86 -26.15
CA GLN A 358 1.16 -0.43 -25.96
C GLN A 358 1.81 -0.20 -24.59
N ALA A 359 1.26 -0.82 -23.56
CA ALA A 359 1.82 -0.77 -22.22
C ALA A 359 3.29 -1.19 -22.20
N ALA A 360 3.57 -2.36 -22.80
CA ALA A 360 4.92 -2.93 -22.77
C ALA A 360 5.96 -2.03 -23.46
N MET A 361 5.65 -1.61 -24.69
CA MET A 361 6.60 -0.78 -25.45
C MET A 361 6.81 0.54 -24.74
N MET A 362 5.73 1.10 -24.22
CA MET A 362 5.78 2.30 -23.40
C MET A 362 6.66 2.06 -22.17
N TRP A 363 6.45 0.93 -21.50
CA TRP A 363 7.22 0.58 -20.31
C TRP A 363 8.69 0.38 -20.64
N GLN A 364 8.96 -0.34 -21.74
CA GLN A 364 10.34 -0.56 -22.19
C GLN A 364 11.01 0.76 -22.59
N ALA A 365 10.30 1.59 -23.35
CA ALA A 365 10.81 2.89 -23.77
C ALA A 365 11.27 3.72 -22.58
N LEU A 366 10.45 3.78 -21.55
CA LEU A 366 10.76 4.60 -20.38
C LEU A 366 11.99 4.03 -19.69
N LEU A 367 11.96 2.72 -19.45
CA LEU A 367 13.08 2.02 -18.82
C LEU A 367 14.39 2.31 -19.55
N ASP A 368 14.37 2.12 -20.87
CA ASP A 368 15.53 2.37 -21.72
C ASP A 368 15.98 3.82 -21.71
N GLY A 369 15.04 4.75 -21.53
CA GLY A 369 15.35 6.18 -21.40
C GLY A 369 15.74 6.59 -19.98
N GLY A 370 15.77 5.61 -19.07
CA GLY A 370 16.21 5.82 -17.70
C GLY A 370 15.11 6.13 -16.70
N LEU A 371 13.94 5.50 -16.87
CA LEU A 371 12.83 5.66 -15.91
C LEU A 371 12.12 4.33 -15.67
N TYR A 372 12.01 3.93 -14.40
CA TYR A 372 11.23 2.75 -14.02
C TYR A 372 9.88 3.13 -13.44
N VAL A 373 8.82 2.62 -14.05
CA VAL A 373 7.47 2.72 -13.50
C VAL A 373 6.89 1.32 -13.45
N ASN A 374 5.83 1.18 -12.67
CA ASN A 374 5.14 -0.10 -12.56
C ASN A 374 4.27 -0.34 -13.76
N MET A 375 4.38 -1.53 -14.36
CA MET A 375 3.47 -1.96 -15.40
C MET A 375 2.42 -2.85 -14.73
N ALA A 376 1.15 -2.63 -15.07
CA ALA A 376 0.06 -3.48 -14.57
C ALA A 376 -0.77 -3.97 -15.77
N ARG A 377 -0.99 -5.28 -15.81
CA ARG A 377 -1.71 -5.91 -16.92
C ARG A 377 -2.65 -6.98 -16.38
N PRO A 378 -3.58 -7.47 -17.22
CA PRO A 378 -4.39 -8.61 -16.79
C PRO A 378 -3.53 -9.85 -16.57
N PRO A 379 -3.83 -10.65 -15.52
CA PRO A 379 -4.93 -10.54 -14.56
C PRO A 379 -4.66 -9.61 -13.37
N ALA A 380 -3.50 -8.93 -13.33
CA ALA A 380 -3.22 -7.95 -12.27
C ALA A 380 -4.28 -6.84 -12.28
N THR A 381 -4.65 -6.40 -13.48
CA THR A 381 -5.78 -5.48 -13.69
C THR A 381 -6.95 -6.26 -14.26
N PRO A 382 -8.14 -5.63 -14.35
CA PRO A 382 -9.23 -6.27 -15.07
C PRO A 382 -8.90 -6.43 -16.56
N ALA A 383 -9.53 -7.43 -17.20
CA ALA A 383 -9.27 -7.73 -18.61
C ALA A 383 -9.25 -6.49 -19.51
N GLY A 384 -10.12 -5.53 -19.24
CA GLY A 384 -10.19 -4.30 -20.04
C GLY A 384 -9.43 -3.13 -19.44
N THR A 385 -8.18 -3.35 -19.08
CA THR A 385 -7.35 -2.30 -18.47
C THR A 385 -5.85 -2.65 -18.50
N PHE A 386 -5.03 -1.70 -18.93
CA PHE A 386 -3.58 -1.87 -19.00
C PHE A 386 -2.93 -0.59 -18.52
N LEU A 387 -2.17 -0.67 -17.42
CA LEU A 387 -1.73 0.53 -16.73
C LEU A 387 -0.22 0.65 -16.59
N LEU A 388 0.25 1.88 -16.64
CA LEU A 388 1.56 2.23 -16.10
C LEU A 388 1.29 3.03 -14.84
N ARG A 389 1.83 2.56 -13.72
CA ARG A 389 1.56 3.17 -12.45
C ARG A 389 2.81 3.85 -11.94
N CYS A 390 2.66 5.16 -11.68
CA CYS A 390 3.69 6.01 -11.16
C CYS A 390 3.38 6.26 -9.72
N SER A 391 4.36 6.08 -8.85
CA SER A 391 4.20 6.44 -7.46
C SER A 391 5.25 7.52 -7.15
N ILE A 392 4.74 8.65 -6.66
CA ILE A 392 5.53 9.82 -6.39
C ILE A 392 6.19 9.72 -5.03
N CYS A 393 7.35 10.35 -4.91
CA CYS A 393 8.15 10.35 -3.71
C CYS A 393 8.38 11.80 -3.29
N ALA A 394 8.30 12.07 -1.99
CA ALA A 394 8.58 13.40 -1.46
C ALA A 394 10.04 13.82 -1.71
N GLU A 395 10.92 12.86 -2.01
CA GLU A 395 12.31 13.20 -2.33
C GLU A 395 12.60 13.33 -3.83
N HIS A 396 11.59 13.15 -4.69
CA HIS A 396 11.74 13.60 -6.08
C HIS A 396 11.90 15.11 -6.06
N THR A 397 12.80 15.61 -6.90
CA THR A 397 12.99 17.05 -7.06
C THR A 397 12.09 17.55 -8.20
N PRO A 398 11.77 18.85 -8.19
CA PRO A 398 11.03 19.40 -9.33
C PRO A 398 11.71 19.08 -10.67
N ALA A 399 13.04 19.18 -10.70
CA ALA A 399 13.83 18.82 -11.89
C ALA A 399 13.57 17.38 -12.35
N GLN A 400 13.55 16.43 -11.41
CA GLN A 400 13.28 15.04 -11.76
C GLN A 400 11.88 14.88 -12.34
N ILE A 401 10.91 15.52 -11.71
CA ILE A 401 9.53 15.45 -12.16
C ILE A 401 9.40 15.92 -13.60
N GLN A 402 10.08 17.02 -13.97
CA GLN A 402 10.06 17.53 -15.34
C GLN A 402 10.83 16.61 -16.30
N THR A 403 11.90 16.01 -15.81
CA THR A 403 12.61 15.02 -16.61
C THR A 403 11.70 13.83 -16.94
N VAL A 404 10.95 13.36 -15.95
CA VAL A 404 9.97 12.29 -16.13
C VAL A 404 8.91 12.69 -17.15
N LEU A 405 8.40 13.91 -17.02
CA LEU A 405 7.41 14.42 -17.97
C LEU A 405 7.97 14.44 -19.39
N GLY A 406 9.19 14.96 -19.53
CA GLY A 406 9.89 14.92 -20.81
C GLY A 406 10.00 13.49 -21.33
N MET A 407 10.32 12.55 -20.45
CA MET A 407 10.44 11.13 -20.80
C MET A 407 9.11 10.48 -21.22
N PHE A 408 8.03 10.76 -20.50
CA PHE A 408 6.71 10.27 -20.89
C PHE A 408 6.27 10.84 -22.24
N GLN A 409 6.55 12.13 -22.43
CA GLN A 409 6.28 12.82 -23.70
C GLN A 409 7.02 12.16 -24.85
N ALA A 410 8.32 11.90 -24.64
CA ALA A 410 9.13 11.27 -25.67
C ALA A 410 8.67 9.84 -25.97
N ALA A 411 8.38 9.07 -24.92
CA ALA A 411 7.95 7.68 -25.09
C ALA A 411 6.55 7.59 -25.72
N GLY A 412 5.60 8.33 -25.15
CA GLY A 412 4.23 8.34 -25.68
C GLY A 412 4.17 8.69 -27.15
N ARG A 413 4.94 9.70 -27.55
CA ARG A 413 4.97 10.15 -28.94
C ARG A 413 5.68 9.11 -29.82
N ALA A 414 6.79 8.55 -29.32
CA ALA A 414 7.53 7.50 -30.04
C ALA A 414 6.71 6.23 -30.24
N VAL A 415 5.85 5.91 -29.26
CA VAL A 415 5.00 4.73 -29.31
C VAL A 415 3.65 5.05 -29.97
N GLY A 416 3.26 6.32 -29.98
CA GLY A 416 2.03 6.74 -30.61
C GLY A 416 0.83 6.67 -29.68
N VAL A 417 1.08 6.85 -28.39
CA VAL A 417 0.03 6.84 -27.37
C VAL A 417 -0.68 8.18 -27.32
N ILE A 418 0.09 9.26 -27.48
CA ILE A 418 -0.43 10.63 -27.33
C ILE A 418 -0.21 11.49 -28.58
N GLY A 419 0.48 11.08 -29.51
#